data_5X72
#
_entry.id   5X72
#
_cell.length_a   55.568
_cell.length_b   55.568
_cell.length_c   115.465
_cell.angle_alpha   90.00
_cell.angle_beta   90.00
_cell.angle_gamma   120.00
#
_symmetry.space_group_name_H-M   'P 32 2 1'
#
loop_
_entity.id
_entity.type
_entity.pdbx_description
1 polymer "Retinal rod rhodopsin-sensitive cGMP 3',5'-cyclic phosphodiesterase subunit delta"
2 non-polymer (2R)-2-(2-fluorophenyl)-3-phenyl-1,2-dihydroquinazolin-4-one
3 non-polymer (2S)-2-(2-fluorophenyl)-3-phenyl-1,2-dihydroquinazolin-4-one
4 water water
#
_entity_poly.entity_id   1
_entity_poly.type   'polypeptide(L)'
_entity_poly.pdbx_seq_one_letter_code
;MSAKDERAREILRGFKLNWMNLRDAETGKILWQGTEDLSVPGVEHEARVPKKILKCKAVSRELNFSSTEQMEKFRLEQKV
YFKGQCLEEWFFEFGFVIPNSTNTWQSLIEAAPESQMMPASVLTGNVIIETKFFDDDLLVSTSRVRLFYV
;
_entity_poly.pdbx_strand_id   A
#
# COMPACT_ATOMS: atom_id res chain seq x y z
N MET A 1 25.68 6.94 9.49
CA MET A 1 24.46 7.68 9.00
C MET A 1 24.90 8.52 7.84
N SER A 2 24.22 8.37 6.72
CA SER A 2 24.46 9.27 5.61
C SER A 2 23.43 10.37 5.52
N ALA A 3 23.74 11.34 4.67
CA ALA A 3 22.81 12.39 4.39
C ALA A 3 21.46 11.82 3.86
N LYS A 4 21.54 10.87 2.96
CA LYS A 4 20.37 10.16 2.49
C LYS A 4 19.54 9.47 3.61
N ASP A 5 20.18 8.71 4.51
CA ASP A 5 19.48 8.10 5.65
C ASP A 5 18.74 9.18 6.51
N GLU A 6 19.41 10.27 6.76
CA GLU A 6 18.86 11.36 7.53
C GLU A 6 17.64 11.96 6.80
N ARG A 7 17.79 12.11 5.48
CA ARG A 7 16.68 12.59 4.67
C ARG A 7 15.50 11.63 4.68
N ALA A 8 15.78 10.34 4.55
CA ALA A 8 14.69 9.39 4.54
C ALA A 8 13.88 9.44 5.89
N ARG A 9 14.60 9.61 6.97
CA ARG A 9 13.99 9.70 8.28
C ARG A 9 13.16 10.96 8.45
N GLU A 10 13.59 12.07 7.86
CA GLU A 10 12.82 13.32 7.94
C GLU A 10 11.51 13.16 7.14
N ILE A 11 11.60 12.48 6.00
CA ILE A 11 10.44 12.26 5.19
C ILE A 11 9.45 11.37 5.93
N LEU A 12 9.95 10.27 6.50
CA LEU A 12 9.07 9.38 7.30
C LEU A 12 8.43 10.12 8.46
N ARG A 13 9.19 10.91 9.19
CA ARG A 13 8.73 11.62 10.33
C ARG A 13 7.53 12.54 9.92
N GLY A 14 7.64 13.18 8.76
CA GLY A 14 6.59 14.11 8.27
C GLY A 14 5.40 13.49 7.55
N PHE A 15 5.40 12.19 7.44
CA PHE A 15 4.43 11.48 6.55
C PHE A 15 3.30 10.88 7.40
N LYS A 16 2.07 10.97 6.93
CA LYS A 16 0.98 10.20 7.55
C LYS A 16 0.01 9.74 6.44
N LEU A 17 -0.50 8.52 6.55
CA LEU A 17 -1.61 8.05 5.71
C LEU A 17 -2.83 8.30 6.56
N ASN A 18 -3.70 9.17 6.09
CA ASN A 18 -4.87 9.62 6.82
C ASN A 18 -6.05 8.66 6.68
N TRP A 19 -6.23 8.11 5.49
CA TRP A 19 -7.33 7.21 5.22
C TRP A 19 -7.11 6.57 3.88
N MET A 20 -7.87 5.50 3.64
CA MET A 20 -7.76 4.78 2.43
C MET A 20 -8.99 3.93 2.21
N ASN A 21 -9.32 3.71 0.94
CA ASN A 21 -10.32 2.68 0.59
C ASN A 21 -10.04 1.94 -0.71
N LEU A 22 -10.79 0.87 -0.95
CA LEU A 22 -10.56 0.02 -2.10
C LEU A 22 -11.90 -0.17 -2.71
N ARG A 23 -11.95 -0.22 -4.08
CA ARG A 23 -13.19 -0.52 -4.88
C ARG A 23 -12.99 -1.47 -6.11
N ASP A 24 -13.99 -2.32 -6.36
CA ASP A 24 -14.10 -3.06 -7.63
C ASP A 24 -14.05 -1.94 -8.66
N ALA A 25 -13.17 -2.22 -9.63
CA ALA A 25 -12.96 -1.32 -10.74
C ALA A 25 -13.93 -1.67 -11.88
N GLU A 26 -14.79 -2.68 -11.71
CA GLU A 26 -16.00 -2.83 -12.52
C GLU A 26 -17.19 -1.98 -12.01
N THR A 27 -17.63 -2.24 -10.78
CA THR A 27 -18.86 -1.66 -10.18
C THR A 27 -18.59 -0.23 -9.64
N GLY A 28 -17.35 0.00 -9.25
CA GLY A 28 -17.03 1.06 -8.29
C GLY A 28 -17.53 0.75 -6.88
N LYS A 29 -17.99 -0.49 -6.57
CA LYS A 29 -18.38 -0.84 -5.20
C LYS A 29 -17.12 -0.63 -4.21
N ILE A 30 -17.33 0.01 -3.03
CA ILE A 30 -16.46 -0.09 -1.85
C ILE A 30 -16.29 -1.57 -1.44
N LEU A 31 -15.07 -2.01 -1.32
CA LEU A 31 -14.80 -3.28 -0.77
C LEU A 31 -14.13 -3.13 0.63
N TRP A 32 -13.41 -2.04 0.90
CA TRP A 32 -12.77 -1.87 2.19
C TRP A 32 -12.47 -0.37 2.45
N GLN A 33 -12.56 0.06 3.70
CA GLN A 33 -12.10 1.36 4.06
C GLN A 33 -11.51 1.39 5.42
N GLY A 34 -10.61 2.31 5.65
CA GLY A 34 -9.95 2.38 6.95
C GLY A 34 -9.32 3.75 7.14
N THR A 35 -9.07 4.09 8.39
CA THR A 35 -8.27 5.25 8.74
C THR A 35 -7.04 4.87 9.55
N GLU A 36 -6.73 3.59 9.76
CA GLU A 36 -5.45 3.27 10.43
C GLU A 36 -4.31 3.40 9.48
N ASP A 37 -3.22 3.99 9.95
CA ASP A 37 -2.13 4.24 9.10
C ASP A 37 -1.39 2.88 8.90
N LEU A 38 -1.83 2.15 7.88
CA LEU A 38 -1.19 0.84 7.54
C LEU A 38 0.22 0.96 7.02
N SER A 39 0.71 2.18 6.83
CA SER A 39 2.09 2.42 6.43
C SER A 39 3.11 2.49 7.52
N VAL A 40 2.66 2.47 8.77
CA VAL A 40 3.59 2.60 9.86
C VAL A 40 4.46 1.34 9.89
N PRO A 41 5.76 1.52 9.90
CA PRO A 41 6.69 0.44 9.92
C PRO A 41 6.87 -0.23 11.27
N GLY A 42 7.41 -1.46 11.26
CA GLY A 42 7.78 -2.12 12.44
C GLY A 42 6.64 -2.91 13.15
N VAL A 43 5.37 -2.71 12.85
CA VAL A 43 4.34 -3.53 13.43
C VAL A 43 3.73 -4.29 12.32
N GLU A 44 3.29 -5.49 12.55
CA GLU A 44 2.52 -6.13 11.51
C GLU A 44 1.08 -5.70 11.65
N HIS A 45 0.57 -4.98 10.68
CA HIS A 45 -0.84 -4.64 10.66
C HIS A 45 -1.67 -5.81 10.21
N GLU A 46 -2.97 -5.75 10.49
CA GLU A 46 -3.92 -6.79 10.13
C GLU A 46 -5.04 -6.10 9.40
N ALA A 47 -5.60 -6.73 8.39
CA ALA A 47 -6.77 -6.19 7.75
C ALA A 47 -7.65 -7.34 7.36
N ARG A 48 -8.93 -7.13 7.54
CA ARG A 48 -9.89 -8.00 7.06
C ARG A 48 -10.56 -7.50 5.80
N VAL A 49 -10.64 -8.29 4.75
CA VAL A 49 -11.13 -7.81 3.47
C VAL A 49 -12.08 -8.81 2.98
N PRO A 50 -13.11 -8.38 2.24
CA PRO A 50 -14.10 -9.27 1.78
C PRO A 50 -13.51 -10.25 0.79
N LYS A 51 -13.91 -11.51 0.89
CA LYS A 51 -13.34 -12.55 0.11
C LYS A 51 -13.57 -12.33 -1.40
N LYS A 52 -14.66 -11.66 -1.76
CA LYS A 52 -14.94 -11.37 -3.20
C LYS A 52 -13.88 -10.55 -3.95
N ILE A 53 -13.08 -9.76 -3.21
CA ILE A 53 -12.01 -9.03 -3.83
C ILE A 53 -11.17 -9.97 -4.64
N LEU A 54 -11.06 -11.24 -4.21
CA LEU A 54 -10.25 -12.18 -4.94
C LEU A 54 -10.87 -12.47 -6.32
N LYS A 55 -12.15 -12.16 -6.52
CA LYS A 55 -12.76 -12.46 -7.83
C LYS A 55 -12.70 -11.25 -8.76
N CYS A 56 -12.03 -10.18 -8.39
CA CYS A 56 -12.06 -8.93 -9.15
C CYS A 56 -10.89 -8.96 -10.03
N LYS A 57 -11.06 -8.60 -11.31
CA LYS A 57 -9.91 -8.40 -12.20
C LYS A 57 -9.01 -7.24 -11.75
N ALA A 58 -9.65 -6.14 -11.36
CA ALA A 58 -8.94 -4.96 -10.90
C ALA A 58 -9.70 -4.30 -9.76
N VAL A 59 -8.92 -3.64 -8.90
CA VAL A 59 -9.44 -2.81 -7.84
C VAL A 59 -8.95 -1.34 -7.98
N SER A 60 -9.78 -0.35 -7.63
CA SER A 60 -9.31 1.02 -7.54
C SER A 60 -9.04 1.44 -6.09
N ARG A 61 -7.97 2.15 -5.87
CA ARG A 61 -7.55 2.50 -4.49
C ARG A 61 -7.59 4.00 -4.37
N GLU A 62 -8.06 4.51 -3.24
CA GLU A 62 -7.90 5.95 -2.91
C GLU A 62 -7.08 5.99 -1.66
N LEU A 63 -5.94 6.67 -1.71
CA LEU A 63 -5.03 6.74 -0.59
C LEU A 63 -4.85 8.24 -0.27
N ASN A 64 -5.20 8.68 0.95
CA ASN A 64 -5.09 10.09 1.32
C ASN A 64 -3.94 10.25 2.31
N PHE A 65 -3.00 11.07 1.95
CA PHE A 65 -1.75 11.24 2.73
C PHE A 65 -1.31 12.68 2.87
N SER A 66 -0.58 12.93 3.97
CA SER A 66 0.01 14.22 4.28
C SER A 66 1.52 14.05 4.35
N SER A 67 2.25 15.08 3.92
CA SER A 67 3.70 15.07 3.98
C SER A 67 4.20 16.44 4.29
N THR A 68 4.87 16.60 5.42
CA THR A 68 5.55 17.85 5.70
C THR A 68 6.66 18.09 4.71
N GLU A 69 7.34 17.03 4.29
CA GLU A 69 8.49 17.19 3.38
C GLU A 69 8.10 17.11 1.91
N GLN A 70 8.82 17.91 1.15
CA GLN A 70 8.79 17.91 -0.31
C GLN A 70 9.32 16.53 -0.79
N MET A 71 8.62 15.91 -1.72
CA MET A 71 9.26 14.75 -2.38
C MET A 71 9.34 14.94 -3.87
N GLU A 72 10.44 14.52 -4.46
CA GLU A 72 10.64 14.66 -5.90
C GLU A 72 9.85 13.61 -6.68
N LYS A 73 9.85 12.39 -6.19
CA LYS A 73 9.25 11.26 -6.93
C LYS A 73 8.71 10.21 -5.96
N PHE A 74 7.56 10.50 -5.35
CA PHE A 74 6.99 9.63 -4.35
C PHE A 74 6.43 8.41 -5.11
N ARG A 75 6.82 7.23 -4.67
CA ARG A 75 6.37 6.01 -5.36
C ARG A 75 6.31 4.86 -4.40
N LEU A 76 5.63 3.78 -4.80
CA LEU A 76 5.48 2.62 -3.95
C LEU A 76 5.87 1.38 -4.72
N GLU A 77 6.44 0.39 -4.03
CA GLU A 77 6.57 -1.00 -4.59
C GLU A 77 5.81 -1.89 -3.62
N GLN A 78 4.86 -2.64 -4.14
CA GLN A 78 4.06 -3.47 -3.35
C GLN A 78 4.09 -4.96 -3.84
N LYS A 79 4.24 -5.88 -2.88
CA LYS A 79 4.36 -7.32 -3.12
C LYS A 79 3.34 -8.08 -2.32
N VAL A 80 2.73 -9.11 -2.94
CA VAL A 80 1.95 -10.06 -2.23
C VAL A 80 2.86 -11.23 -1.89
N TYR A 81 2.91 -11.59 -0.60
CA TYR A 81 3.64 -12.78 -0.10
C TYR A 81 2.68 -13.84 0.42
N PHE A 82 2.81 -15.05 -0.08
CA PHE A 82 2.08 -16.20 0.44
C PHE A 82 3.03 -17.21 1.05
N LYS A 83 2.87 -17.34 2.36
CA LYS A 83 3.73 -18.17 3.23
C LYS A 83 5.14 -17.89 2.86
N GLY A 84 5.49 -16.59 2.78
CA GLY A 84 6.87 -16.17 2.55
C GLY A 84 7.35 -16.10 1.07
N GLN A 85 6.50 -16.51 0.14
CA GLN A 85 6.83 -16.43 -1.26
C GLN A 85 6.06 -15.32 -2.02
N CYS A 86 6.81 -14.53 -2.76
CA CYS A 86 6.22 -13.44 -3.55
C CYS A 86 5.44 -14.00 -4.70
N LEU A 87 4.15 -13.73 -4.72
CA LEU A 87 3.27 -14.15 -5.84
C LEU A 87 3.10 -13.06 -6.90
N GLU A 88 3.22 -11.78 -6.51
CA GLU A 88 2.90 -10.71 -7.44
C GLU A 88 3.55 -9.42 -6.89
N GLU A 89 4.00 -8.54 -7.80
CA GLU A 89 4.55 -7.24 -7.42
C GLU A 89 3.91 -6.15 -8.27
N TRP A 90 3.74 -4.95 -7.69
CA TRP A 90 3.20 -3.75 -8.39
C TRP A 90 4.07 -2.56 -8.09
N PHE A 91 4.15 -1.63 -9.06
CA PHE A 91 4.91 -0.42 -8.96
C PHE A 91 3.90 0.68 -9.22
N PHE A 92 3.89 1.72 -8.41
CA PHE A 92 2.96 2.84 -8.59
C PHE A 92 3.72 4.15 -8.32
N GLU A 93 3.45 5.16 -9.10
CA GLU A 93 4.15 6.39 -9.00
C GLU A 93 3.15 7.51 -8.75
N PHE A 94 3.35 8.26 -7.66
CA PHE A 94 2.63 9.49 -7.40
C PHE A 94 3.36 10.68 -8.02
N GLY A 95 4.68 10.78 -7.86
CA GLY A 95 5.47 11.90 -8.50
C GLY A 95 5.75 12.96 -7.44
N PHE A 96 5.73 14.21 -7.85
CA PHE A 96 6.07 15.35 -6.97
C PHE A 96 5.06 15.59 -5.85
N VAL A 97 5.54 15.82 -4.64
CA VAL A 97 4.74 16.12 -3.48
C VAL A 97 5.13 17.48 -2.93
N ILE A 98 4.16 18.38 -2.86
CA ILE A 98 4.33 19.72 -2.24
C ILE A 98 4.54 19.56 -0.70
N PRO A 99 5.57 20.23 -0.17
CA PRO A 99 5.72 20.26 1.31
C PRO A 99 4.48 20.78 2.01
N ASN A 100 4.09 20.09 3.08
CA ASN A 100 2.94 20.38 3.93
C ASN A 100 1.58 20.22 3.19
N SER A 101 1.52 19.32 2.21
CA SER A 101 0.32 19.07 1.44
C SER A 101 -0.34 17.85 1.94
N THR A 102 -1.62 17.79 1.63
CA THR A 102 -2.43 16.62 1.85
C THR A 102 -3.05 16.28 0.47
N ASN A 103 -3.00 15.04 0.08
CA ASN A 103 -3.19 14.60 -1.30
C ASN A 103 -4.02 13.35 -1.30
N THR A 104 -4.93 13.22 -2.30
CA THR A 104 -5.60 11.95 -2.58
C THR A 104 -5.07 11.32 -3.85
N TRP A 105 -4.53 10.11 -3.75
CA TRP A 105 -3.91 9.41 -4.83
C TRP A 105 -4.80 8.25 -5.30
N GLN A 106 -5.26 8.29 -6.53
CA GLN A 106 -6.12 7.21 -7.03
C GLN A 106 -5.25 6.34 -7.84
N SER A 107 -5.42 5.01 -7.74
CA SER A 107 -4.66 4.04 -8.53
C SER A 107 -5.58 2.87 -8.93
N LEU A 108 -5.30 2.30 -10.10
CA LEU A 108 -5.94 1.07 -10.56
C LEU A 108 -4.96 -0.09 -10.41
N ILE A 109 -5.38 -1.08 -9.63
CA ILE A 109 -4.57 -2.25 -9.35
C ILE A 109 -5.14 -3.50 -10.00
N GLU A 110 -4.35 -4.12 -10.88
CA GLU A 110 -4.79 -5.23 -11.71
C GLU A 110 -4.12 -6.48 -11.22
N ALA A 111 -4.91 -7.50 -10.88
CA ALA A 111 -4.34 -8.79 -10.48
C ALA A 111 -4.02 -9.59 -11.74
N ALA A 112 -2.91 -10.31 -11.76
CA ALA A 112 -2.72 -11.39 -12.77
C ALA A 112 -3.52 -12.69 -12.40
N PRO A 113 -4.21 -13.31 -13.36
CA PRO A 113 -5.12 -14.44 -13.12
C PRO A 113 -4.67 -15.59 -12.14
N SER A 115 -2.06 -15.65 -9.92
CA SER A 115 -2.24 -15.28 -8.48
C SER A 115 -3.77 -15.27 -8.15
N GLN A 116 -4.18 -15.04 -6.88
CA GLN A 116 -5.63 -14.91 -6.44
C GLN A 116 -6.48 -15.88 -7.26
N MET A 117 -6.01 -17.11 -7.20
CA MET A 117 -6.36 -18.21 -7.93
C MET A 117 -6.59 -19.27 -6.78
N MET A 118 -5.77 -19.28 -5.70
CA MET A 118 -6.06 -20.20 -4.55
C MET A 118 -7.34 -19.71 -3.87
N PRO A 119 -8.10 -20.61 -3.26
CA PRO A 119 -9.29 -20.16 -2.51
C PRO A 119 -8.96 -19.28 -1.34
N ALA A 120 -9.87 -18.35 -1.07
CA ALA A 120 -9.79 -17.48 0.13
C ALA A 120 -9.44 -18.32 1.42
N SER A 121 -10.07 -19.49 1.57
CA SER A 121 -9.86 -20.31 2.80
C SER A 121 -8.34 -20.69 2.98
N VAL A 122 -7.61 -20.87 1.90
CA VAL A 122 -6.20 -21.26 1.93
C VAL A 122 -5.39 -20.03 2.18
N LEU A 123 -5.77 -18.91 1.49
CA LEU A 123 -5.09 -17.68 1.60
C LEU A 123 -5.12 -17.02 2.95
N THR A 124 -6.25 -17.15 3.65
CA THR A 124 -6.54 -16.24 4.72
C THR A 124 -5.53 -16.42 5.87
N GLY A 125 -5.02 -15.32 6.39
CA GLY A 125 -3.93 -15.33 7.39
C GLY A 125 -2.57 -15.75 6.90
N ASN A 126 -2.42 -16.13 5.63
CA ASN A 126 -1.18 -16.55 5.05
C ASN A 126 -0.66 -15.54 4.04
N VAL A 127 -1.40 -14.47 3.83
CA VAL A 127 -0.95 -13.44 2.86
C VAL A 127 -0.46 -12.18 3.62
N ILE A 128 0.69 -11.71 3.20
CA ILE A 128 1.29 -10.46 3.68
C ILE A 128 1.42 -9.56 2.44
N ILE A 129 0.91 -8.32 2.55
CA ILE A 129 1.26 -7.30 1.57
C ILE A 129 2.37 -6.45 2.13
N GLU A 130 3.54 -6.44 1.47
CA GLU A 130 4.59 -5.58 1.86
C GLU A 130 4.55 -4.35 0.98
N THR A 131 4.67 -3.19 1.60
CA THR A 131 4.64 -1.90 0.91
C THR A 131 5.94 -1.16 1.20
N LYS A 132 6.70 -0.84 0.14
CA LYS A 132 7.88 0.02 0.27
C LYS A 132 7.57 1.41 -0.31
N PHE A 133 7.84 2.38 0.50
CA PHE A 133 7.62 3.81 0.27
CA PHE A 133 7.59 3.80 0.17
C PHE A 133 8.97 4.40 -0.16
N PHE A 134 9.07 4.97 -1.37
CA PHE A 134 10.30 5.61 -1.83
C PHE A 134 10.04 7.11 -2.19
N ASP A 135 11.11 7.88 -2.08
CA ASP A 135 11.23 9.07 -2.88
C ASP A 135 12.36 8.85 -3.86
N ASP A 136 11.97 8.68 -5.09
CA ASP A 136 12.88 8.22 -6.16
C ASP A 136 13.53 6.88 -5.81
N ASP A 137 14.85 6.80 -5.60
CA ASP A 137 15.45 5.53 -5.10
C ASP A 137 15.81 5.52 -3.61
N LEU A 138 15.38 6.52 -2.87
CA LEU A 138 15.58 6.54 -1.48
C LEU A 138 14.45 5.76 -0.78
N LEU A 139 14.80 4.66 -0.11
CA LEU A 139 13.81 3.90 0.66
C LEU A 139 13.44 4.63 1.94
N VAL A 140 12.19 5.01 2.11
CA VAL A 140 11.73 5.77 3.24
C VAL A 140 11.18 4.82 4.30
N SER A 141 10.37 3.86 3.88
CA SER A 141 9.93 2.87 4.83
C SER A 141 9.37 1.62 4.16
N THR A 142 9.28 0.58 4.98
CA THR A 142 8.71 -0.73 4.59
C THR A 142 7.70 -1.10 5.64
N SER A 143 6.50 -1.41 5.23
CA SER A 143 5.50 -1.88 6.13
C SER A 143 4.80 -3.10 5.62
N ARG A 144 4.08 -3.76 6.51
CA ARG A 144 3.40 -5.06 6.22
C ARG A 144 2.01 -5.14 6.78
N VAL A 145 1.08 -5.72 6.01
CA VAL A 145 -0.29 -5.95 6.41
C VAL A 145 -0.57 -7.43 6.19
N ARG A 146 -1.04 -8.13 7.20
CA ARG A 146 -1.46 -9.48 7.04
C ARG A 146 -2.95 -9.44 6.71
N LEU A 147 -3.34 -10.17 5.71
CA LEU A 147 -4.75 -10.25 5.26
C LEU A 147 -5.57 -11.41 5.70
N PHE A 148 -6.80 -11.14 6.15
CA PHE A 148 -7.79 -12.16 6.38
C PHE A 148 -8.90 -11.91 5.41
N TYR A 149 -9.37 -12.94 4.76
CA TYR A 149 -10.49 -12.85 3.83
C TYR A 149 -11.71 -13.30 4.51
N VAL A 150 -12.72 -12.48 4.55
CA VAL A 150 -13.97 -12.82 5.26
C VAL A 150 -15.25 -12.66 4.38
#